data_8D5I
#
_entry.id   8D5I
#
_cell.length_a   87.167
_cell.length_b   145.614
_cell.length_c   36.801
_cell.angle_alpha   90.000
_cell.angle_beta   90.000
_cell.angle_gamma   90.000
#
_symmetry.space_group_name_H-M   'P 21 21 2'
#
loop_
_entity.id
_entity.type
_entity.pdbx_description
1 polymer folP-SMZ_B27
2 non-polymer 'PTEROIC ACID'
3 non-polymer 'PYROPHOSPHATE 2-'
4 water water
#
_entity_poly.entity_id   1
_entity_poly.type   'polypeptide(L)'
_entity_poly.pdbx_seq_one_letter_code
;MAKVKIVGILNVTPNSFHDGGRFVETDKAVVRARELLSQGADIIEIGGESTGPGSNTITADEELARIVPVIRAIRSSLPD
ANIAVDTYKAEVARKALELGATMINDVSAGRADPKLFGVVARSNAQIVLMYSKDTDPHTSFDERQYVDVVRTVYDFLAER
KKAAMSAGIPADRIILDTGLGGFVSSDPQYSFQLLAHLSDFQDLGCKLFLSPSRKSFLAGNELLKTADRLPGTIAASAIA
VLHGADYIRTHDVLEVRRGCEIATAINQPPER
;
_entity_poly.pdbx_strand_id   A,B
#
loop_
_chem_comp.id
_chem_comp.type
_chem_comp.name
_chem_comp.formula
POP non-polymer 'PYROPHOSPHATE 2-' 'H2 O7 P2 -2'
PT1 non-polymer 'PTEROIC ACID' 'C14 H12 N6 O3'
#
# COMPACT_ATOMS: atom_id res chain seq x y z
N MET A 1 -13.29 -15.16 0.11
CA MET A 1 -11.88 -14.97 -0.26
C MET A 1 -11.02 -14.89 1.00
N ALA A 2 -10.02 -15.76 1.10
CA ALA A 2 -9.27 -15.93 2.34
C ALA A 2 -8.24 -14.83 2.53
N LYS A 3 -7.83 -14.65 3.79
CA LYS A 3 -6.75 -13.73 4.11
C LYS A 3 -5.44 -14.23 3.52
N VAL A 4 -4.53 -13.30 3.27
CA VAL A 4 -3.16 -13.69 2.91
C VAL A 4 -2.47 -14.26 4.13
N LYS A 5 -1.60 -15.24 3.92
CA LYS A 5 -0.76 -15.74 4.99
C LYS A 5 0.53 -14.93 5.00
N ILE A 6 0.91 -14.44 6.17
CA ILE A 6 2.08 -13.58 6.30
C ILE A 6 3.26 -14.42 6.75
N VAL A 7 4.33 -14.39 5.98
CA VAL A 7 5.51 -15.19 6.26
C VAL A 7 6.54 -14.24 6.85
N GLY A 8 6.86 -14.40 8.14
CA GLY A 8 7.76 -13.47 8.80
C GLY A 8 9.20 -13.91 8.66
N ILE A 9 10.06 -13.02 8.17
CA ILE A 9 11.46 -13.35 7.92
C ILE A 9 12.23 -13.37 9.23
N LEU A 10 12.92 -14.47 9.51
CA LEU A 10 13.88 -14.51 10.63
C LEU A 10 15.21 -15.01 10.05
N ASN A 11 16.03 -14.07 9.60
CA ASN A 11 17.34 -14.37 9.02
C ASN A 11 18.38 -14.37 10.14
N VAL A 12 19.11 -15.47 10.30
CA VAL A 12 20.08 -15.59 11.38
C VAL A 12 21.48 -15.65 10.78
N THR A 13 21.65 -15.04 9.62
CA THR A 13 23.01 -14.76 9.14
C THR A 13 23.67 -13.78 10.09
N PRO A 14 24.88 -14.08 10.58
CA PRO A 14 25.51 -13.21 11.58
C PRO A 14 25.92 -11.87 10.98
N ASN A 15 26.02 -10.88 11.88
CA ASN A 15 26.44 -9.53 11.52
C ASN A 15 27.69 -9.57 10.64
N SER A 16 28.77 -10.15 11.15
CA SER A 16 30.02 -10.26 10.39
C SER A 16 30.60 -11.64 10.68
N PHE A 17 30.32 -12.58 9.76
CA PHE A 17 30.77 -13.96 9.87
C PHE A 17 32.27 -14.06 10.11
N HIS A 18 33.04 -13.18 9.46
CA HIS A 18 34.50 -13.30 9.46
C HIS A 18 35.18 -12.39 10.47
N ASP A 19 34.62 -11.21 10.73
CA ASP A 19 35.25 -10.24 11.62
C ASP A 19 34.72 -10.31 13.05
N GLY A 20 33.43 -10.60 13.23
CA GLY A 20 32.83 -10.56 14.55
C GLY A 20 32.38 -11.90 15.10
N GLY A 21 31.15 -11.95 15.58
CA GLY A 21 30.61 -13.18 16.12
C GLY A 21 30.26 -14.17 15.03
N ARG A 22 30.57 -15.45 15.30
CA ARG A 22 30.30 -16.50 14.32
C ARG A 22 28.81 -16.77 14.14
N PHE A 23 28.01 -16.60 15.19
CA PHE A 23 26.58 -16.80 15.10
C PHE A 23 25.85 -15.65 15.80
N VAL A 24 24.56 -15.54 15.49
CA VAL A 24 23.68 -14.71 16.30
C VAL A 24 23.45 -15.39 17.65
N GLU A 25 23.00 -14.60 18.62
CA GLU A 25 22.57 -15.15 19.89
C GLU A 25 21.21 -15.79 19.73
N THR A 26 21.07 -17.03 20.19
CA THR A 26 19.83 -17.76 19.96
C THR A 26 18.65 -17.10 20.67
N ASP A 27 18.88 -16.60 21.89
CA ASP A 27 17.79 -15.98 22.64
C ASP A 27 17.28 -14.70 21.96
N LYS A 28 18.17 -13.94 21.33
CA LYS A 28 17.72 -12.76 20.60
C LYS A 28 16.89 -13.13 19.38
N ALA A 29 17.22 -14.24 18.71
CA ALA A 29 16.40 -14.69 17.58
C ALA A 29 15.02 -15.13 18.04
N VAL A 30 14.95 -15.80 19.18
CA VAL A 30 13.66 -16.22 19.75
C VAL A 30 12.82 -15.00 20.11
N VAL A 31 13.45 -13.99 20.73
CA VAL A 31 12.78 -12.73 21.03
C VAL A 31 12.16 -12.16 19.76
N ARG A 32 12.92 -12.19 18.66
CA ARG A 32 12.40 -11.66 17.41
C ARG A 32 11.26 -12.53 16.87
N ALA A 33 11.41 -13.85 16.97
CA ALA A 33 10.33 -14.75 16.58
C ALA A 33 9.04 -14.44 17.35
N ARG A 34 9.14 -14.19 18.65
CA ARG A 34 7.96 -13.88 19.45
C ARG A 34 7.29 -12.60 18.97
N GLU A 35 8.10 -11.57 18.67
CA GLU A 35 7.56 -10.33 18.12
C GLU A 35 6.87 -10.53 16.78
N LEU A 36 7.48 -11.31 15.87
CA LEU A 36 6.85 -11.57 14.57
C LEU A 36 5.49 -12.22 14.76
N LEU A 37 5.41 -13.20 15.68
CA LEU A 37 4.14 -13.86 15.96
C LEU A 37 3.12 -12.89 16.54
N SER A 38 3.54 -12.09 17.52
CA SER A 38 2.63 -11.15 18.16
C SER A 38 2.13 -10.08 17.18
N GLN A 39 2.88 -9.81 16.12
CA GLN A 39 2.48 -8.88 15.07
C GLN A 39 1.57 -9.51 14.02
N GLY A 40 1.39 -10.82 14.06
CA GLY A 40 0.45 -11.50 13.19
C GLY A 40 1.04 -12.38 12.13
N ALA A 41 2.30 -12.80 12.27
CA ALA A 41 2.89 -13.73 11.32
C ALA A 41 2.21 -15.11 11.46
N ASP A 42 1.82 -15.68 10.32
CA ASP A 42 1.29 -17.05 10.30
C ASP A 42 2.40 -18.08 10.25
N ILE A 43 3.53 -17.72 9.66
CA ILE A 43 4.68 -18.61 9.45
C ILE A 43 5.94 -17.83 9.81
N ILE A 44 6.85 -18.49 10.53
CA ILE A 44 8.17 -17.92 10.77
C ILE A 44 9.14 -18.66 9.84
N GLU A 45 9.86 -17.91 9.01
CA GLU A 45 10.78 -18.48 8.03
C GLU A 45 12.21 -18.23 8.49
N ILE A 46 12.88 -19.31 8.90
CA ILE A 46 14.26 -19.25 9.37
C ILE A 46 15.18 -19.46 8.18
N GLY A 47 16.18 -18.59 8.04
CA GLY A 47 17.19 -18.73 7.01
C GLY A 47 18.59 -18.51 7.55
N GLY A 48 19.52 -19.39 7.19
CA GLY A 48 20.90 -19.25 7.62
C GLY A 48 21.83 -18.68 6.57
N GLU A 49 21.37 -18.55 5.32
CA GLU A 49 22.19 -17.99 4.24
C GLU A 49 21.43 -16.90 3.52
N SER A 50 21.92 -15.66 3.60
CA SER A 50 21.19 -14.57 2.94
C SER A 50 21.47 -14.57 1.45
N THR A 51 20.54 -13.99 0.68
CA THR A 51 20.71 -13.90 -0.76
C THR A 51 20.46 -12.52 -1.34
N GLY A 52 20.41 -11.47 -0.52
CA GLY A 52 20.34 -10.11 -1.03
C GLY A 52 21.67 -9.57 -1.54
N PRO A 53 21.71 -8.24 -1.78
CA PRO A 53 22.88 -7.62 -2.42
C PRO A 53 24.21 -7.95 -1.75
N GLY A 54 25.14 -8.49 -2.54
CA GLY A 54 26.48 -8.80 -2.07
C GLY A 54 26.60 -9.96 -1.10
N SER A 55 25.55 -10.74 -0.90
CA SER A 55 25.57 -11.83 0.08
C SER A 55 26.67 -12.83 -0.24
N ASN A 56 27.01 -13.66 0.76
CA ASN A 56 28.05 -14.67 0.64
C ASN A 56 27.45 -16.07 0.62
N THR A 57 28.01 -16.96 -0.20
CA THR A 57 27.73 -18.39 -0.06
C THR A 57 28.35 -18.93 1.23
N ILE A 58 27.67 -19.89 1.84
CA ILE A 58 28.20 -20.61 2.99
C ILE A 58 27.99 -22.10 2.74
N THR A 59 28.78 -22.92 3.45
CA THR A 59 28.66 -24.37 3.33
C THR A 59 27.42 -24.88 4.05
N ALA A 60 26.97 -26.08 3.64
CA ALA A 60 25.83 -26.71 4.30
C ALA A 60 26.07 -26.90 5.79
N ASP A 61 27.30 -27.29 6.17
CA ASP A 61 27.64 -27.45 7.58
C ASP A 61 27.44 -26.16 8.36
N GLU A 62 28.01 -25.06 7.86
CA GLU A 62 27.85 -23.78 8.56
C GLU A 62 26.40 -23.32 8.56
N GLU A 63 25.65 -23.61 7.50
CA GLU A 63 24.25 -23.22 7.47
C GLU A 63 23.46 -23.96 8.55
N LEU A 64 23.73 -25.25 8.71
CA LEU A 64 23.10 -26.03 9.79
C LEU A 64 23.49 -25.51 11.15
N ALA A 65 24.78 -25.19 11.35
CA ALA A 65 25.20 -24.64 12.63
C ALA A 65 24.45 -23.36 12.98
N ARG A 66 23.92 -22.65 11.98
CA ARG A 66 23.18 -21.43 12.22
C ARG A 66 21.72 -21.73 12.57
N ILE A 67 21.04 -22.51 11.73
CA ILE A 67 19.59 -22.64 11.88
C ILE A 67 19.18 -23.72 12.90
N VAL A 68 19.97 -24.77 13.10
CA VAL A 68 19.57 -25.84 14.02
C VAL A 68 19.32 -25.32 15.43
N PRO A 69 20.24 -24.59 16.08
CA PRO A 69 19.93 -24.09 17.43
C PRO A 69 18.69 -23.23 17.48
N VAL A 70 18.43 -22.47 16.41
CA VAL A 70 17.33 -21.53 16.43
C VAL A 70 16.01 -22.26 16.22
N ILE A 71 15.99 -23.25 15.33
CA ILE A 71 14.78 -24.05 15.16
C ILE A 71 14.46 -24.80 16.44
N ARG A 72 15.46 -25.38 17.10
CA ARG A 72 15.19 -26.12 18.33
C ARG A 72 14.63 -25.21 19.41
N ALA A 73 15.18 -24.00 19.52
CA ALA A 73 14.69 -23.08 20.55
C ALA A 73 13.26 -22.66 20.27
N ILE A 74 12.94 -22.39 19.00
CA ILE A 74 11.58 -21.96 18.66
C ILE A 74 10.59 -23.09 18.84
N ARG A 75 10.94 -24.32 18.43
CA ARG A 75 10.01 -25.42 18.66
C ARG A 75 9.80 -25.70 20.15
N SER A 76 10.74 -25.29 21.00
CA SER A 76 10.55 -25.56 22.42
C SER A 76 9.76 -24.44 23.11
N SER A 77 10.03 -23.17 22.78
CA SER A 77 9.32 -22.06 23.42
C SER A 77 8.06 -21.63 22.67
N LEU A 78 7.97 -21.92 21.38
CA LEU A 78 6.81 -21.55 20.56
C LEU A 78 6.35 -22.74 19.72
N PRO A 79 5.97 -23.84 20.36
CA PRO A 79 5.68 -25.06 19.57
C PRO A 79 4.51 -24.92 18.62
N ASP A 80 3.62 -23.94 18.85
CA ASP A 80 2.48 -23.74 17.97
C ASP A 80 2.83 -22.98 16.69
N ALA A 81 4.02 -22.41 16.60
CA ALA A 81 4.43 -21.67 15.41
C ALA A 81 4.64 -22.59 14.21
N ASN A 82 4.21 -22.13 13.04
CA ASN A 82 4.54 -22.79 11.78
C ASN A 82 5.92 -22.35 11.32
N ILE A 83 6.82 -23.32 11.08
CA ILE A 83 8.19 -23.04 10.70
C ILE A 83 8.39 -23.36 9.22
N ALA A 84 8.97 -22.40 8.50
CA ALA A 84 9.50 -22.59 7.16
C ALA A 84 11.01 -22.42 7.23
N VAL A 85 11.74 -23.04 6.30
CA VAL A 85 13.19 -22.82 6.20
C VAL A 85 13.51 -22.37 4.78
N ASP A 86 14.31 -21.30 4.69
CA ASP A 86 14.81 -20.71 3.45
C ASP A 86 16.16 -21.35 3.17
N THR A 87 16.19 -22.37 2.31
CA THR A 87 17.45 -23.02 1.94
C THR A 87 17.32 -23.63 0.56
N TYR A 88 18.44 -23.68 -0.17
CA TYR A 88 18.49 -24.38 -1.44
C TYR A 88 19.28 -25.68 -1.35
N LYS A 89 19.67 -26.09 -0.15
CA LYS A 89 20.58 -27.22 0.05
C LYS A 89 19.81 -28.40 0.62
N ALA A 90 19.98 -29.58 0.01
CA ALA A 90 19.20 -30.77 0.39
C ALA A 90 19.51 -31.20 1.82
N GLU A 91 20.78 -31.12 2.24
CA GLU A 91 21.10 -31.63 3.57
C GLU A 91 20.57 -30.71 4.65
N VAL A 92 20.51 -29.40 4.37
CA VAL A 92 19.89 -28.47 5.30
C VAL A 92 18.39 -28.72 5.37
N ALA A 93 17.74 -28.88 4.22
CA ALA A 93 16.31 -29.14 4.22
C ALA A 93 15.99 -30.44 4.95
N ARG A 94 16.82 -31.47 4.76
CA ARG A 94 16.57 -32.77 5.41
C ARG A 94 16.53 -32.61 6.93
N LYS A 95 17.51 -31.93 7.50
CA LYS A 95 17.54 -31.73 8.95
C LYS A 95 16.42 -30.78 9.40
N ALA A 96 16.16 -29.73 8.61
CA ALA A 96 15.07 -28.81 8.95
C ALA A 96 13.73 -29.55 9.05
N LEU A 97 13.45 -30.44 8.09
CA LEU A 97 12.23 -31.21 8.11
C LEU A 97 12.16 -32.14 9.32
N GLU A 98 13.28 -32.82 9.64
CA GLU A 98 13.34 -33.66 10.85
C GLU A 98 12.97 -32.86 12.08
N LEU A 99 13.44 -31.62 12.16
CA LEU A 99 13.21 -30.79 13.34
C LEU A 99 11.83 -30.13 13.33
N GLY A 100 11.00 -30.37 12.32
CA GLY A 100 9.62 -29.91 12.34
C GLY A 100 9.24 -28.83 11.33
N ALA A 101 10.15 -28.35 10.49
CA ALA A 101 9.74 -27.36 9.49
C ALA A 101 8.73 -27.97 8.54
N THR A 102 7.74 -27.17 8.13
CA THR A 102 6.70 -27.68 7.25
C THR A 102 6.66 -27.00 5.89
N MET A 103 7.67 -26.18 5.59
CA MET A 103 7.73 -25.52 4.30
C MET A 103 9.19 -25.25 4.00
N ILE A 104 9.59 -25.56 2.78
CA ILE A 104 10.94 -25.31 2.31
C ILE A 104 10.84 -24.27 1.21
N ASN A 105 11.52 -23.14 1.39
CA ASN A 105 11.54 -22.04 0.42
C ASN A 105 12.87 -22.07 -0.33
N ASP A 106 12.84 -22.46 -1.62
CA ASP A 106 14.09 -22.64 -2.38
C ASP A 106 14.19 -21.56 -3.48
N VAL A 107 15.11 -20.61 -3.28
CA VAL A 107 15.30 -19.55 -4.26
C VAL A 107 15.89 -20.04 -5.57
N SER A 108 16.39 -21.28 -5.63
CA SER A 108 16.87 -21.87 -6.87
C SER A 108 15.80 -22.72 -7.57
N ALA A 109 14.60 -22.85 -6.98
CA ALA A 109 13.51 -23.63 -7.59
C ALA A 109 13.95 -25.08 -7.83
N GLY A 110 14.70 -25.63 -6.87
CA GLY A 110 15.12 -27.02 -6.96
C GLY A 110 16.30 -27.27 -7.88
N ARG A 111 17.01 -26.22 -8.30
CA ARG A 111 18.07 -26.32 -9.29
C ARG A 111 19.47 -26.40 -8.70
N ALA A 112 19.72 -25.72 -7.58
CA ALA A 112 21.07 -25.64 -7.04
C ALA A 112 21.53 -26.96 -6.45
N ASP A 113 20.60 -27.79 -5.97
CA ASP A 113 20.97 -29.06 -5.34
C ASP A 113 20.05 -30.12 -5.91
N PRO A 114 20.56 -31.03 -6.75
CA PRO A 114 19.70 -32.08 -7.35
C PRO A 114 19.01 -32.99 -6.34
N LYS A 115 19.48 -33.08 -5.10
CA LYS A 115 18.84 -33.94 -4.11
C LYS A 115 17.67 -33.27 -3.37
N LEU A 116 17.52 -31.94 -3.47
CA LEU A 116 16.52 -31.26 -2.63
C LEU A 116 15.09 -31.73 -2.93
N PHE A 117 14.72 -31.84 -4.21
CA PHE A 117 13.37 -32.30 -4.56
C PHE A 117 13.02 -33.60 -3.84
N GLY A 118 13.92 -34.59 -3.90
CA GLY A 118 13.64 -35.89 -3.30
C GLY A 118 13.48 -35.82 -1.79
N VAL A 119 14.28 -34.98 -1.13
CA VAL A 119 14.17 -34.83 0.31
C VAL A 119 12.80 -34.28 0.68
N VAL A 120 12.35 -33.26 -0.04
CA VAL A 120 11.03 -32.68 0.22
C VAL A 120 9.92 -33.67 -0.12
N ALA A 121 10.10 -34.45 -1.19
CA ALA A 121 9.06 -35.40 -1.58
C ALA A 121 8.81 -36.44 -0.51
N ARG A 122 9.84 -36.82 0.27
CA ARG A 122 9.69 -37.81 1.33
C ARG A 122 9.26 -37.19 2.66
N SER A 123 8.78 -35.96 2.63
CA SER A 123 8.19 -35.27 3.75
C SER A 123 6.75 -34.92 3.40
N ASN A 124 6.06 -34.25 4.32
CA ASN A 124 4.75 -33.68 3.99
C ASN A 124 4.81 -32.17 3.85
N ALA A 125 5.99 -31.62 3.63
CA ALA A 125 6.17 -30.18 3.60
C ALA A 125 5.79 -29.60 2.24
N GLN A 126 5.43 -28.32 2.26
CA GLN A 126 5.27 -27.57 1.03
C GLN A 126 6.62 -27.04 0.56
N ILE A 127 6.70 -26.71 -0.72
CA ILE A 127 7.93 -26.20 -1.31
C ILE A 127 7.60 -24.95 -2.14
N VAL A 128 8.40 -23.91 -1.96
CA VAL A 128 8.26 -22.68 -2.72
C VAL A 128 9.31 -22.72 -3.82
N LEU A 129 8.85 -22.59 -5.06
CA LEU A 129 9.70 -22.55 -6.26
C LEU A 129 9.70 -21.12 -6.78
N MET A 130 10.81 -20.43 -6.62
CA MET A 130 10.91 -19.05 -7.08
C MET A 130 11.71 -18.95 -8.37
N TYR A 131 11.24 -18.09 -9.27
CA TYR A 131 12.00 -17.73 -10.45
C TYR A 131 13.18 -16.85 -10.08
N SER A 132 14.33 -17.17 -10.67
CA SER A 132 15.51 -16.33 -10.62
C SER A 132 16.15 -16.35 -12.00
N LYS A 133 16.77 -15.24 -12.37
CA LYS A 133 17.39 -15.14 -13.68
C LYS A 133 18.60 -16.06 -13.80
N ASP A 134 19.14 -16.55 -12.68
CA ASP A 134 20.24 -17.51 -12.66
C ASP A 134 20.04 -18.51 -11.53
N THR A 135 20.54 -19.74 -11.74
CA THR A 135 20.41 -20.75 -10.70
C THR A 135 21.13 -20.34 -9.44
N ASP A 136 22.39 -19.93 -9.55
CA ASP A 136 23.19 -19.56 -8.41
C ASP A 136 22.56 -18.36 -7.72
N PRO A 137 22.07 -18.49 -6.49
CA PRO A 137 21.40 -17.35 -5.83
C PRO A 137 22.31 -16.16 -5.61
N HIS A 138 23.62 -16.34 -5.61
CA HIS A 138 24.56 -15.26 -5.35
C HIS A 138 25.14 -14.66 -6.63
N THR A 139 24.48 -14.87 -7.76
CA THR A 139 24.88 -14.24 -8.99
C THR A 139 24.67 -12.73 -8.86
N SER A 140 25.57 -11.94 -9.46
CA SER A 140 25.41 -10.49 -9.37
C SER A 140 24.12 -10.07 -10.06
N PHE A 141 23.56 -8.96 -9.61
CA PHE A 141 22.26 -8.50 -10.12
C PHE A 141 22.48 -7.66 -11.36
N ASP A 142 22.56 -8.30 -12.53
CA ASP A 142 22.74 -7.53 -13.76
C ASP A 142 21.41 -6.93 -14.24
N GLU A 143 21.51 -6.04 -15.22
CA GLU A 143 20.33 -5.40 -15.80
C GLU A 143 19.76 -6.30 -16.90
N ARG A 144 19.24 -7.44 -16.45
CA ARG A 144 18.68 -8.42 -17.38
C ARG A 144 17.47 -7.83 -18.11
N GLN A 145 17.43 -8.02 -19.43
CA GLN A 145 16.33 -7.53 -20.25
C GLN A 145 15.37 -8.66 -20.60
N TYR A 146 14.13 -8.29 -20.90
CA TYR A 146 13.16 -9.27 -21.35
C TYR A 146 12.30 -8.68 -22.45
N VAL A 147 11.96 -9.51 -23.43
CA VAL A 147 10.95 -9.10 -24.39
C VAL A 147 9.57 -9.14 -23.75
N ASP A 148 9.30 -10.19 -22.94
CA ASP A 148 8.02 -10.38 -22.27
C ASP A 148 8.31 -11.12 -20.96
N VAL A 149 8.62 -10.37 -19.90
CA VAL A 149 9.05 -11.02 -18.66
C VAL A 149 7.94 -11.93 -18.13
N VAL A 150 6.67 -11.59 -18.35
CA VAL A 150 5.59 -12.43 -17.83
C VAL A 150 5.63 -13.80 -18.48
N ARG A 151 5.78 -13.83 -19.80
CA ARG A 151 5.86 -15.10 -20.52
C ARG A 151 7.07 -15.91 -20.08
N THR A 152 8.23 -15.26 -19.97
CA THR A 152 9.46 -15.96 -19.56
C THR A 152 9.29 -16.62 -18.20
N VAL A 153 8.76 -15.87 -17.23
CA VAL A 153 8.66 -16.39 -15.88
C VAL A 153 7.57 -17.45 -15.81
N TYR A 154 6.50 -17.25 -16.58
CA TYR A 154 5.41 -18.23 -16.59
C TYR A 154 5.91 -19.58 -17.09
N ASP A 155 6.65 -19.57 -18.20
CA ASP A 155 7.19 -20.81 -18.76
C ASP A 155 8.22 -21.45 -17.83
N PHE A 156 9.02 -20.63 -17.15
CA PHE A 156 9.97 -21.16 -16.17
C PHE A 156 9.24 -21.88 -15.04
N LEU A 157 8.23 -21.23 -14.45
CA LEU A 157 7.55 -21.83 -13.32
C LEU A 157 6.78 -23.09 -13.73
N ALA A 158 6.21 -23.09 -14.94
CA ALA A 158 5.58 -24.29 -15.44
C ALA A 158 6.59 -25.43 -15.54
N GLU A 159 7.81 -25.12 -15.96
CA GLU A 159 8.82 -26.17 -16.10
C GLU A 159 9.31 -26.67 -14.75
N ARG A 160 9.48 -25.77 -13.77
CA ARG A 160 9.93 -26.20 -12.45
C ARG A 160 8.83 -26.96 -11.73
N LYS A 161 7.57 -26.55 -11.89
CA LYS A 161 6.47 -27.32 -11.31
C LYS A 161 6.46 -28.73 -11.89
N LYS A 162 6.63 -28.84 -13.21
CA LYS A 162 6.65 -30.16 -13.82
C LYS A 162 7.81 -31.01 -13.30
N ALA A 163 8.96 -30.37 -13.04
CA ALA A 163 10.11 -31.09 -12.50
C ALA A 163 9.87 -31.54 -11.07
N ALA A 164 9.28 -30.67 -10.23
CA ALA A 164 8.93 -31.07 -8.86
C ALA A 164 7.96 -32.25 -8.85
N MET A 165 7.00 -32.24 -9.78
CA MET A 165 6.01 -33.29 -9.83
C MET A 165 6.62 -34.60 -10.31
N SER A 166 7.57 -34.51 -11.25
CA SER A 166 8.29 -35.68 -11.72
C SER A 166 9.11 -36.31 -10.59
N ALA A 167 9.56 -35.50 -9.63
CA ALA A 167 10.26 -35.95 -8.43
C ALA A 167 9.31 -36.35 -7.29
N GLY A 168 8.02 -36.51 -7.57
CA GLY A 168 7.09 -37.05 -6.59
C GLY A 168 6.44 -36.05 -5.66
N ILE A 169 6.56 -34.75 -5.93
CA ILE A 169 5.92 -33.73 -5.10
C ILE A 169 4.54 -33.45 -5.71
N PRO A 170 3.46 -33.63 -4.96
CA PRO A 170 2.13 -33.30 -5.50
C PRO A 170 1.95 -31.81 -5.76
N ALA A 171 1.12 -31.50 -6.76
CA ALA A 171 0.87 -30.11 -7.13
C ALA A 171 0.28 -29.31 -5.98
N ASP A 172 -0.54 -29.94 -5.12
CA ASP A 172 -1.11 -29.18 -4.01
C ASP A 172 -0.10 -28.91 -2.90
N ARG A 173 1.17 -29.29 -3.07
CA ARG A 173 2.23 -28.89 -2.16
C ARG A 173 3.24 -27.97 -2.84
N ILE A 174 2.94 -27.50 -4.04
CA ILE A 174 3.87 -26.65 -4.78
C ILE A 174 3.34 -25.22 -4.75
N ILE A 175 4.20 -24.29 -4.34
CA ILE A 175 3.88 -22.87 -4.27
C ILE A 175 4.85 -22.14 -5.19
N LEU A 176 4.33 -21.16 -5.93
CA LEU A 176 5.11 -20.49 -6.98
C LEU A 176 5.31 -19.01 -6.65
N ASP A 177 6.52 -18.52 -6.98
CA ASP A 177 6.97 -17.16 -6.72
C ASP A 177 7.61 -16.66 -8.02
N THR A 178 7.18 -15.49 -8.49
CA THR A 178 7.73 -14.94 -9.71
C THR A 178 9.16 -14.43 -9.53
N GLY A 179 9.61 -14.27 -8.29
CA GLY A 179 10.83 -13.52 -8.03
C GLY A 179 10.53 -12.04 -8.14
N LEU A 180 11.31 -11.21 -7.46
CA LEU A 180 11.18 -9.76 -7.52
C LEU A 180 12.59 -9.19 -7.35
N GLY A 181 12.73 -7.90 -7.68
CA GLY A 181 14.02 -7.25 -7.51
C GLY A 181 15.12 -7.89 -8.34
N GLY A 182 16.33 -7.94 -7.77
CA GLY A 182 17.52 -8.40 -8.50
C GLY A 182 17.43 -9.82 -9.02
N PHE A 183 16.58 -10.65 -8.41
CA PHE A 183 16.33 -12.00 -8.92
C PHE A 183 15.74 -11.98 -10.33
N VAL A 184 15.05 -10.91 -10.67
CA VAL A 184 14.49 -10.71 -12.00
C VAL A 184 15.42 -9.85 -12.85
N SER A 185 15.83 -8.71 -12.30
CA SER A 185 16.59 -7.68 -13.02
C SER A 185 16.92 -6.53 -12.09
N SER A 186 18.06 -5.88 -12.32
CA SER A 186 18.33 -4.61 -11.64
C SER A 186 17.48 -3.49 -12.22
N ASP A 187 16.86 -3.70 -13.38
CA ASP A 187 15.86 -2.79 -13.93
C ASP A 187 14.53 -3.04 -13.22
N PRO A 188 13.98 -2.05 -12.49
CA PRO A 188 12.78 -2.32 -11.71
C PRO A 188 11.54 -2.57 -12.56
N GLN A 189 11.53 -2.11 -13.82
CA GLN A 189 10.31 -2.20 -14.63
C GLN A 189 9.79 -3.63 -14.72
N TYR A 190 10.70 -4.62 -14.73
CA TYR A 190 10.26 -6.00 -14.88
C TYR A 190 9.58 -6.53 -13.62
N SER A 191 9.99 -6.04 -12.44
CA SER A 191 9.29 -6.44 -11.22
C SER A 191 7.89 -5.82 -11.17
N PHE A 192 7.74 -4.57 -11.63
CA PHE A 192 6.41 -3.96 -11.67
C PHE A 192 5.49 -4.68 -12.66
N GLN A 193 6.04 -5.16 -13.78
CA GLN A 193 5.21 -5.85 -14.76
C GLN A 193 4.73 -7.19 -14.23
N LEU A 194 5.60 -7.90 -13.50
CA LEU A 194 5.17 -9.13 -12.85
C LEU A 194 4.02 -8.87 -11.88
N LEU A 195 4.16 -7.82 -11.03
CA LEU A 195 3.08 -7.47 -10.11
C LEU A 195 1.80 -7.09 -10.86
N ALA A 196 1.92 -6.34 -11.96
CA ALA A 196 0.76 -5.91 -12.72
C ALA A 196 0.01 -7.09 -13.33
N HIS A 197 0.72 -8.18 -13.66
CA HIS A 197 0.12 -9.32 -14.34
C HIS A 197 0.13 -10.58 -13.50
N LEU A 198 0.19 -10.43 -12.18
CA LEU A 198 0.30 -11.61 -11.32
C LEU A 198 -0.87 -12.56 -11.49
N SER A 199 -2.07 -12.06 -11.80
CA SER A 199 -3.21 -12.94 -12.02
C SER A 199 -2.99 -13.92 -13.17
N ASP A 200 -2.13 -13.58 -14.13
CA ASP A 200 -1.82 -14.49 -15.23
C ASP A 200 -1.22 -15.80 -14.74
N PHE A 201 -0.62 -15.82 -13.55
CA PHE A 201 0.03 -17.01 -13.02
C PHE A 201 -0.93 -17.97 -12.33
N GLN A 202 -2.19 -17.57 -12.13
CA GLN A 202 -3.14 -18.49 -11.52
C GLN A 202 -3.48 -19.65 -12.44
N ASP A 203 -3.21 -19.53 -13.75
CA ASP A 203 -3.38 -20.64 -14.68
C ASP A 203 -2.56 -21.86 -14.29
N LEU A 204 -1.44 -21.67 -13.58
CA LEU A 204 -0.52 -22.75 -13.24
C LEU A 204 -1.05 -23.67 -12.14
N GLY A 205 -2.13 -23.27 -11.46
CA GLY A 205 -2.80 -24.16 -10.54
C GLY A 205 -2.23 -24.20 -9.13
N CYS A 206 -1.36 -23.27 -8.78
CA CYS A 206 -0.63 -23.33 -7.53
C CYS A 206 -0.86 -22.03 -6.75
N LYS A 207 -0.76 -22.12 -5.42
CA LYS A 207 -0.74 -20.89 -4.62
C LYS A 207 0.48 -20.06 -4.99
N LEU A 208 0.34 -18.74 -4.82
CA LEU A 208 1.37 -17.77 -5.17
C LEU A 208 1.93 -17.09 -3.93
N PHE A 209 3.23 -16.83 -3.96
CA PHE A 209 4.04 -16.38 -2.82
C PHE A 209 4.95 -15.27 -3.35
N LEU A 210 4.98 -14.12 -2.68
N LEU A 210 4.96 -14.12 -2.67
CA LEU A 210 5.81 -13.03 -3.15
CA LEU A 210 5.75 -12.98 -3.13
C LEU A 210 6.47 -12.31 -1.97
C LEU A 210 6.50 -12.38 -1.95
N SER A 211 7.65 -11.75 -2.23
CA SER A 211 8.45 -11.08 -1.21
C SER A 211 8.92 -9.72 -1.70
N PRO A 212 8.03 -8.71 -1.74
CA PRO A 212 8.49 -7.36 -2.06
C PRO A 212 9.61 -6.97 -1.10
N SER A 213 9.32 -6.97 0.20
CA SER A 213 10.26 -6.83 1.32
C SER A 213 11.45 -5.91 1.09
N ARG A 214 11.18 -4.62 0.87
CA ARG A 214 12.20 -3.58 0.77
C ARG A 214 13.28 -3.86 -0.25
N LYS A 215 12.95 -4.59 -1.31
CA LYS A 215 13.93 -4.89 -2.35
C LYS A 215 14.22 -3.66 -3.22
N SER A 216 15.28 -3.78 -4.02
CA SER A 216 15.84 -2.68 -4.81
C SER A 216 14.86 -2.11 -5.83
N PHE A 217 13.90 -2.90 -6.33
CA PHE A 217 12.94 -2.33 -7.28
C PHE A 217 12.03 -1.29 -6.64
N LEU A 218 11.96 -1.24 -5.32
CA LEU A 218 11.18 -0.21 -4.64
C LEU A 218 11.97 1.09 -4.42
N ALA A 219 13.13 1.23 -5.06
CA ALA A 219 13.94 2.42 -4.84
C ALA A 219 13.23 3.69 -5.32
N GLY A 220 12.48 3.60 -6.42
CA GLY A 220 11.77 4.74 -6.99
C GLY A 220 12.70 5.82 -7.55
N ASN A 221 12.09 6.97 -7.88
CA ASN A 221 12.87 8.06 -8.45
C ASN A 221 13.83 8.69 -7.46
N GLU A 222 13.54 8.59 -6.16
CA GLU A 222 14.50 9.10 -5.18
C GLU A 222 15.64 8.13 -4.93
N LEU A 223 15.58 6.94 -5.51
CA LEU A 223 16.59 5.92 -5.29
C LEU A 223 16.76 5.65 -3.80
N LEU A 224 15.61 5.45 -3.14
CA LEU A 224 15.54 5.23 -1.70
C LEU A 224 16.37 4.02 -1.26
N LYS A 225 17.01 4.15 -0.11
CA LYS A 225 17.72 3.04 0.50
C LYS A 225 16.74 2.18 1.31
N THR A 226 17.22 1.01 1.74
CA THR A 226 16.37 0.04 2.43
C THR A 226 15.52 0.69 3.52
N ALA A 227 16.11 1.59 4.30
CA ALA A 227 15.40 2.16 5.44
C ALA A 227 14.14 2.93 5.05
N ASP A 228 14.06 3.42 3.82
CA ASP A 228 12.96 4.28 3.38
C ASP A 228 11.95 3.56 2.49
N ARG A 229 12.02 2.23 2.38
CA ARG A 229 11.20 1.48 1.44
C ARG A 229 9.97 0.83 2.07
N LEU A 230 9.65 1.13 3.33
CA LEU A 230 8.47 0.49 3.91
C LEU A 230 7.18 0.90 3.21
N PRO A 231 6.90 2.19 2.95
CA PRO A 231 5.66 2.51 2.21
C PRO A 231 5.55 1.79 0.88
N GLY A 232 6.62 1.75 0.09
CA GLY A 232 6.57 1.03 -1.17
C GLY A 232 6.33 -0.46 -0.99
N THR A 233 6.91 -1.05 0.07
CA THR A 233 6.69 -2.46 0.36
C THR A 233 5.22 -2.73 0.71
N ILE A 234 4.60 -1.84 1.48
CA ILE A 234 3.17 -1.99 1.81
C ILE A 234 2.34 -1.95 0.54
N ALA A 235 2.59 -0.94 -0.32
CA ALA A 235 1.84 -0.82 -1.56
C ALA A 235 2.06 -2.01 -2.50
N ALA A 236 3.31 -2.47 -2.66
CA ALA A 236 3.55 -3.58 -3.58
C ALA A 236 2.94 -4.88 -3.05
N SER A 237 3.04 -5.09 -1.74
CA SER A 237 2.48 -6.30 -1.13
C SER A 237 0.96 -6.28 -1.22
N ALA A 238 0.35 -5.11 -0.92
CA ALA A 238 -1.10 -4.99 -1.07
C ALA A 238 -1.52 -5.27 -2.49
N ILE A 239 -0.81 -4.72 -3.47
CA ILE A 239 -1.24 -4.90 -4.86
C ILE A 239 -1.03 -6.35 -5.29
N ALA A 240 0.04 -6.99 -4.81
CA ALA A 240 0.23 -8.43 -5.07
C ALA A 240 -0.93 -9.25 -4.55
N VAL A 241 -1.40 -8.96 -3.32
CA VAL A 241 -2.55 -9.66 -2.78
C VAL A 241 -3.80 -9.37 -3.62
N LEU A 242 -3.99 -8.12 -4.01
CA LEU A 242 -5.16 -7.79 -4.83
C LEU A 242 -5.16 -8.59 -6.12
N HIS A 243 -3.99 -8.89 -6.64
CA HIS A 243 -3.82 -9.61 -7.90
C HIS A 243 -3.57 -11.10 -7.69
N GLY A 244 -3.78 -11.62 -6.48
CA GLY A 244 -3.86 -13.06 -6.27
C GLY A 244 -2.80 -13.70 -5.37
N ALA A 245 -1.86 -12.96 -4.78
CA ALA A 245 -0.89 -13.58 -3.89
C ALA A 245 -1.56 -14.22 -2.68
N ASP A 246 -1.15 -15.45 -2.36
CA ASP A 246 -1.63 -16.22 -1.21
C ASP A 246 -0.69 -16.14 -0.01
N TYR A 247 0.58 -15.80 -0.24
CA TYR A 247 1.57 -15.65 0.81
C TYR A 247 2.34 -14.37 0.54
N ILE A 248 2.68 -13.63 1.58
CA ILE A 248 3.52 -12.46 1.46
C ILE A 248 4.64 -12.60 2.49
N ARG A 249 5.89 -12.57 2.02
CA ARG A 249 7.08 -12.68 2.88
C ARG A 249 7.62 -11.30 3.21
N THR A 250 7.80 -11.01 4.51
CA THR A 250 8.18 -9.68 4.94
C THR A 250 8.86 -9.76 6.30
N HIS A 251 9.67 -8.76 6.62
CA HIS A 251 10.08 -8.55 8.00
C HIS A 251 9.30 -7.43 8.68
N ASP A 252 8.43 -6.73 7.95
CA ASP A 252 7.58 -5.71 8.55
C ASP A 252 6.17 -6.26 8.72
N VAL A 253 6.05 -7.23 9.63
CA VAL A 253 4.84 -8.05 9.69
C VAL A 253 3.61 -7.22 10.04
N LEU A 254 3.70 -6.39 11.09
CA LEU A 254 2.54 -5.62 11.52
C LEU A 254 1.98 -4.74 10.41
N GLU A 255 2.85 -3.97 9.76
CA GLU A 255 2.37 -3.00 8.77
C GLU A 255 1.92 -3.69 7.48
N VAL A 256 2.66 -4.69 7.02
CA VAL A 256 2.30 -5.34 5.77
C VAL A 256 1.02 -6.16 5.94
N ARG A 257 0.85 -6.81 7.10
CA ARG A 257 -0.39 -7.51 7.38
C ARG A 257 -1.59 -6.57 7.32
N ARG A 258 -1.48 -5.41 7.98
CA ARG A 258 -2.60 -4.47 7.97
C ARG A 258 -2.88 -3.93 6.57
N GLY A 259 -1.85 -3.60 5.80
CA GLY A 259 -2.07 -3.16 4.44
C GLY A 259 -2.70 -4.25 3.58
N CYS A 260 -2.20 -5.48 3.70
CA CYS A 260 -2.73 -6.58 2.90
C CYS A 260 -4.17 -6.90 3.27
N GLU A 261 -4.57 -6.62 4.52
CA GLU A 261 -5.95 -6.85 4.89
C GLU A 261 -6.90 -5.94 4.10
N ILE A 262 -6.45 -4.71 3.81
CA ILE A 262 -7.23 -3.81 2.96
C ILE A 262 -7.36 -4.37 1.55
N ALA A 263 -6.27 -4.89 0.99
CA ALA A 263 -6.34 -5.48 -0.35
C ALA A 263 -7.31 -6.67 -0.39
N THR A 264 -7.28 -7.51 0.65
CA THR A 264 -8.22 -8.63 0.70
C THR A 264 -9.66 -8.14 0.73
N ALA A 265 -9.92 -7.07 1.50
CA ALA A 265 -11.28 -6.53 1.61
C ALA A 265 -11.77 -5.97 0.29
N ILE A 266 -10.90 -5.29 -0.45
CA ILE A 266 -11.26 -4.76 -1.77
C ILE A 266 -11.54 -5.90 -2.75
N ASN A 267 -10.88 -7.04 -2.58
CA ASN A 267 -11.12 -8.19 -3.43
C ASN A 267 -12.45 -8.90 -3.15
N GLN A 268 -13.16 -8.54 -2.08
CA GLN A 268 -14.34 -9.31 -1.69
C GLN A 268 -15.57 -8.82 -2.45
N PRO A 269 -16.39 -9.75 -2.95
CA PRO A 269 -17.60 -9.34 -3.69
C PRO A 269 -18.74 -9.00 -2.76
N PRO A 270 -19.75 -8.25 -3.23
CA PRO A 270 -20.89 -7.89 -2.36
C PRO A 270 -21.79 -9.10 -2.05
N MET B 1 1.80 7.28 -18.45
CA MET B 1 0.77 7.70 -17.51
C MET B 1 1.43 8.44 -16.34
N ALA B 2 0.79 9.52 -15.89
CA ALA B 2 1.44 10.48 -15.02
C ALA B 2 1.39 10.06 -13.55
N LYS B 3 2.26 10.67 -12.76
CA LYS B 3 2.23 10.52 -11.32
C LYS B 3 0.91 11.07 -10.75
N VAL B 4 0.51 10.53 -9.60
CA VAL B 4 -0.61 11.09 -8.86
C VAL B 4 -0.21 12.43 -8.27
N LYS B 5 -1.18 13.33 -8.15
CA LYS B 5 -0.97 14.58 -7.46
C LYS B 5 -1.36 14.38 -6.00
N ILE B 6 -0.41 14.58 -5.10
CA ILE B 6 -0.64 14.37 -3.67
C ILE B 6 -1.16 15.68 -3.07
N VAL B 7 -2.32 15.62 -2.39
CA VAL B 7 -2.98 16.77 -1.76
C VAL B 7 -2.79 16.64 -0.25
N GLY B 8 -1.98 17.51 0.34
CA GLY B 8 -1.67 17.42 1.76
C GLY B 8 -2.70 18.17 2.59
N ILE B 9 -3.25 17.50 3.60
CA ILE B 9 -4.32 18.08 4.40
C ILE B 9 -3.73 19.03 5.44
N LEU B 10 -4.20 20.28 5.43
CA LEU B 10 -3.83 21.25 6.45
C LEU B 10 -5.13 21.69 7.13
N ASN B 11 -5.43 21.10 8.29
CA ASN B 11 -6.58 21.46 9.11
C ASN B 11 -6.23 22.65 10.01
N VAL B 12 -7.01 23.71 9.90
CA VAL B 12 -6.92 24.86 10.78
C VAL B 12 -8.04 24.71 11.80
N THR B 13 -7.74 24.14 12.95
CA THR B 13 -8.76 23.77 13.94
C THR B 13 -8.33 24.33 15.29
N PRO B 14 -8.73 25.57 15.62
CA PRO B 14 -8.31 26.14 16.91
C PRO B 14 -9.02 25.51 18.09
N ASN B 15 -8.36 24.57 18.78
CA ASN B 15 -8.97 23.91 19.94
C ASN B 15 -7.97 23.72 21.09
N SER B 16 -7.00 24.63 21.21
CA SER B 16 -5.94 24.50 22.21
C SER B 16 -6.27 25.22 23.52
N PHE B 17 -7.00 26.35 23.45
CA PHE B 17 -7.55 26.99 24.64
C PHE B 17 -6.46 27.45 25.61
N HIS B 18 -5.41 28.06 25.07
CA HIS B 18 -4.35 28.56 25.96
C HIS B 18 -4.08 30.05 25.73
N ASP B 19 -3.05 30.57 26.37
CA ASP B 19 -2.83 32.02 26.39
C ASP B 19 -2.65 32.59 25.00
N GLY B 20 -2.12 31.80 24.07
CA GLY B 20 -1.82 32.31 22.74
C GLY B 20 -3.06 32.47 21.88
N GLY B 21 -3.04 33.50 21.04
CA GLY B 21 -4.16 33.86 20.21
C GLY B 21 -4.15 33.18 18.85
N ARG B 22 -4.92 33.76 17.93
CA ARG B 22 -5.02 33.17 16.59
C ARG B 22 -3.66 33.05 15.91
N PHE B 23 -2.72 33.97 16.23
CA PHE B 23 -1.41 33.91 15.56
C PHE B 23 -0.69 32.59 15.79
N VAL B 24 -0.93 31.94 16.92
CA VAL B 24 -0.22 30.69 17.18
C VAL B 24 -0.74 29.61 16.23
N GLU B 25 -2.06 29.58 16.01
CA GLU B 25 -2.64 28.63 15.06
C GLU B 25 -2.19 28.94 13.63
N THR B 26 -2.13 30.23 13.26
CA THR B 26 -1.62 30.56 11.92
C THR B 26 -0.17 30.13 11.76
N ASP B 27 0.67 30.36 12.77
CA ASP B 27 2.06 29.96 12.65
C ASP B 27 2.20 28.46 12.56
N LYS B 28 1.40 27.72 13.34
CA LYS B 28 1.36 26.26 13.23
C LYS B 28 1.02 25.82 11.82
N ALA B 29 0.03 26.46 11.19
CA ALA B 29 -0.38 26.08 9.83
C ALA B 29 0.75 26.33 8.82
N VAL B 30 1.50 27.42 8.99
CA VAL B 30 2.57 27.71 8.05
C VAL B 30 3.71 26.70 8.17
N VAL B 31 4.10 26.35 9.40
CA VAL B 31 5.12 25.32 9.58
C VAL B 31 4.64 24.00 9.01
N ARG B 32 3.36 23.69 9.18
CA ARG B 32 2.81 22.45 8.65
C ARG B 32 2.79 22.48 7.12
N ALA B 33 2.47 23.62 6.51
CA ALA B 33 2.54 23.69 5.05
C ALA B 33 3.97 23.50 4.54
N ARG B 34 4.97 24.07 5.24
CA ARG B 34 6.35 23.87 4.84
C ARG B 34 6.72 22.38 4.90
N GLU B 35 6.27 21.69 5.96
CA GLU B 35 6.57 20.27 6.11
C GLU B 35 5.90 19.45 5.03
N LEU B 36 4.63 19.74 4.72
CA LEU B 36 3.93 19.03 3.66
C LEU B 36 4.66 19.19 2.32
N LEU B 37 5.09 20.42 2.04
CA LEU B 37 5.87 20.68 0.82
C LEU B 37 7.19 19.94 0.84
N SER B 38 7.87 19.93 1.99
CA SER B 38 9.12 19.19 2.17
C SER B 38 8.95 17.72 1.80
N GLN B 39 7.81 17.13 2.18
CA GLN B 39 7.48 15.72 1.97
C GLN B 39 6.99 15.42 0.57
N GLY B 40 6.82 16.44 -0.27
CA GLY B 40 6.49 16.23 -1.66
C GLY B 40 5.05 16.46 -2.04
N ALA B 41 4.28 17.22 -1.24
CA ALA B 41 2.92 17.56 -1.61
C ALA B 41 2.90 18.44 -2.86
N ASP B 42 1.99 18.14 -3.78
CA ASP B 42 1.77 18.95 -4.96
C ASP B 42 0.83 20.11 -4.68
N ILE B 43 -0.11 19.90 -3.77
CA ILE B 43 -1.16 20.84 -3.44
C ILE B 43 -1.27 20.84 -1.92
N ILE B 44 -1.45 22.03 -1.35
CA ILE B 44 -1.77 22.20 0.07
C ILE B 44 -3.25 22.55 0.17
N GLU B 45 -4.03 21.70 0.85
CA GLU B 45 -5.45 21.92 0.97
C GLU B 45 -5.77 22.41 2.37
N ILE B 46 -6.29 23.63 2.47
CA ILE B 46 -6.61 24.25 3.75
C ILE B 46 -8.09 24.04 4.05
N GLY B 47 -8.37 23.57 5.26
CA GLY B 47 -9.74 23.41 5.71
C GLY B 47 -9.92 24.07 7.05
N GLY B 48 -10.94 24.92 7.17
CA GLY B 48 -11.22 25.56 8.43
C GLY B 48 -12.29 24.88 9.25
N GLU B 49 -13.02 23.94 8.65
CA GLU B 49 -14.15 23.28 9.32
C GLU B 49 -14.05 21.77 9.12
N SER B 50 -13.79 21.04 10.20
CA SER B 50 -13.71 19.58 10.07
C SER B 50 -15.06 18.97 9.74
N THR B 51 -15.06 17.96 8.86
CA THR B 51 -16.22 17.11 8.61
C THR B 51 -15.98 15.66 9.03
N GLY B 52 -15.03 15.41 9.94
CA GLY B 52 -14.84 14.08 10.46
C GLY B 52 -15.96 13.65 11.40
N PRO B 53 -15.84 12.44 11.94
CA PRO B 53 -16.88 11.94 12.86
C PRO B 53 -17.04 12.84 14.07
N GLY B 54 -18.30 13.08 14.45
CA GLY B 54 -18.62 13.90 15.60
C GLY B 54 -18.49 15.39 15.40
N SER B 55 -18.15 15.84 14.21
CA SER B 55 -17.92 17.26 13.94
C SER B 55 -19.26 18.01 13.82
N ASN B 56 -19.20 19.33 13.99
CA ASN B 56 -20.38 20.18 13.85
C ASN B 56 -20.04 21.36 12.96
N THR B 57 -21.05 22.20 12.69
CA THR B 57 -20.95 23.24 11.68
C THR B 57 -20.47 24.54 12.31
N ILE B 58 -19.60 25.28 11.62
CA ILE B 58 -19.25 26.61 12.06
C ILE B 58 -19.86 27.63 11.09
N THR B 59 -19.80 28.90 11.48
CA THR B 59 -20.31 29.93 10.59
C THR B 59 -19.28 30.24 9.52
N ALA B 60 -19.75 30.83 8.42
CA ALA B 60 -18.82 31.27 7.39
C ALA B 60 -17.81 32.26 7.93
N ASP B 61 -18.24 33.13 8.86
CA ASP B 61 -17.32 34.14 9.39
C ASP B 61 -16.21 33.48 10.18
N GLU B 62 -16.55 32.50 11.02
CA GLU B 62 -15.51 31.80 11.77
C GLU B 62 -14.58 31.05 10.83
N GLU B 63 -15.14 30.44 9.77
CA GLU B 63 -14.29 29.69 8.85
C GLU B 63 -13.32 30.61 8.13
N LEU B 64 -13.79 31.81 7.74
CA LEU B 64 -12.88 32.78 7.14
C LEU B 64 -11.85 33.27 8.15
N ALA B 65 -12.27 33.53 9.38
CA ALA B 65 -11.35 33.96 10.43
C ALA B 65 -10.22 32.96 10.64
N ARG B 66 -10.48 31.69 10.35
CA ARG B 66 -9.45 30.65 10.48
C ARG B 66 -8.54 30.59 9.27
N ILE B 67 -9.10 30.53 8.06
CA ILE B 67 -8.29 30.22 6.89
C ILE B 67 -7.67 31.44 6.23
N VAL B 68 -8.28 32.63 6.36
CA VAL B 68 -7.75 33.81 5.67
C VAL B 68 -6.32 34.15 6.12
N PRO B 69 -6.03 34.26 7.42
CA PRO B 69 -4.64 34.51 7.83
C PRO B 69 -3.69 33.45 7.33
N VAL B 70 -4.18 32.21 7.23
CA VAL B 70 -3.31 31.10 6.87
C VAL B 70 -2.97 31.15 5.39
N ILE B 71 -3.99 31.37 4.55
CA ILE B 71 -3.76 31.52 3.11
C ILE B 71 -2.83 32.70 2.85
N ARG B 72 -3.06 33.82 3.54
CA ARG B 72 -2.19 34.98 3.35
C ARG B 72 -0.75 34.67 3.70
N ALA B 73 -0.52 33.98 4.81
CA ALA B 73 0.85 33.73 5.25
C ALA B 73 1.56 32.74 4.33
N ILE B 74 0.84 31.71 3.87
CA ILE B 74 1.43 30.72 2.98
C ILE B 74 1.73 31.35 1.62
N ARG B 75 0.79 32.15 1.09
CA ARG B 75 1.04 32.80 -0.20
C ARG B 75 2.26 33.71 -0.13
N SER B 76 2.45 34.40 1.00
CA SER B 76 3.59 35.30 1.11
C SER B 76 4.90 34.57 1.39
N SER B 77 4.89 33.54 2.24
CA SER B 77 6.12 32.82 2.58
C SER B 77 6.45 31.71 1.59
N LEU B 78 5.44 31.17 0.92
CA LEU B 78 5.61 30.03 0.02
C LEU B 78 4.84 30.32 -1.28
N PRO B 79 5.26 31.34 -2.03
CA PRO B 79 4.45 31.77 -3.19
C PRO B 79 4.33 30.72 -4.29
N ASP B 80 5.26 29.76 -4.37
CA ASP B 80 5.19 28.66 -5.32
C ASP B 80 4.09 27.64 -4.98
N ALA B 81 3.56 27.66 -3.76
CA ALA B 81 2.66 26.60 -3.33
C ALA B 81 1.35 26.65 -4.09
N ASN B 82 0.83 25.48 -4.42
CA ASN B 82 -0.47 25.36 -5.07
C ASN B 82 -1.48 25.15 -3.96
N ILE B 83 -2.48 26.03 -3.86
CA ILE B 83 -3.36 26.07 -2.70
C ILE B 83 -4.76 25.65 -3.12
N ALA B 84 -5.35 24.73 -2.34
CA ALA B 84 -6.75 24.37 -2.42
C ALA B 84 -7.42 24.70 -1.10
N VAL B 85 -8.75 24.89 -1.14
CA VAL B 85 -9.53 25.09 0.07
C VAL B 85 -10.66 24.07 0.09
N ASP B 86 -10.85 23.44 1.25
CA ASP B 86 -11.95 22.49 1.47
C ASP B 86 -13.06 23.31 2.13
N THR B 87 -14.10 23.64 1.36
CA THR B 87 -15.26 24.37 1.87
C THR B 87 -16.48 24.07 1.00
N TYR B 88 -17.65 24.12 1.62
CA TYR B 88 -18.91 24.03 0.88
C TYR B 88 -19.68 25.34 0.91
N LYS B 89 -19.06 26.41 1.42
CA LYS B 89 -19.73 27.69 1.62
C LYS B 89 -19.24 28.67 0.56
N ALA B 90 -20.19 29.26 -0.18
CA ALA B 90 -19.84 30.14 -1.29
C ALA B 90 -18.99 31.33 -0.83
N GLU B 91 -19.37 31.96 0.29
CA GLU B 91 -18.63 33.13 0.76
C GLU B 91 -17.17 32.75 1.08
N VAL B 92 -16.97 31.55 1.62
CA VAL B 92 -15.62 31.10 1.95
C VAL B 92 -14.83 30.83 0.68
N ALA B 93 -15.45 30.14 -0.29
CA ALA B 93 -14.77 29.85 -1.55
C ALA B 93 -14.39 31.14 -2.28
N ARG B 94 -15.27 32.14 -2.28
CA ARG B 94 -15.02 33.35 -3.06
C ARG B 94 -13.79 34.09 -2.57
N LYS B 95 -13.70 34.29 -1.25
CA LYS B 95 -12.54 34.92 -0.64
C LYS B 95 -11.28 34.09 -0.86
N ALA B 96 -11.37 32.77 -0.70
CA ALA B 96 -10.20 31.92 -0.87
C ALA B 96 -9.65 32.04 -2.30
N LEU B 97 -10.53 32.08 -3.30
CA LEU B 97 -10.06 32.24 -4.67
C LEU B 97 -9.44 33.61 -4.88
N GLU B 98 -10.05 34.66 -4.33
CA GLU B 98 -9.46 35.98 -4.47
C GLU B 98 -8.06 36.01 -3.86
N LEU B 99 -7.84 35.26 -2.79
CA LEU B 99 -6.52 35.27 -2.15
C LEU B 99 -5.52 34.34 -2.84
N GLY B 100 -5.92 33.64 -3.91
CA GLY B 100 -4.98 32.84 -4.66
C GLY B 100 -5.22 31.34 -4.64
N ALA B 101 -6.22 30.80 -3.96
CA ALA B 101 -6.51 29.37 -4.11
C ALA B 101 -6.95 29.11 -5.54
N THR B 102 -6.67 27.89 -6.03
CA THR B 102 -6.99 27.53 -7.40
C THR B 102 -7.82 26.26 -7.48
N MET B 103 -8.25 25.73 -6.35
CA MET B 103 -9.04 24.51 -6.28
C MET B 103 -10.01 24.65 -5.12
N ILE B 104 -11.27 24.31 -5.36
CA ILE B 104 -12.28 24.26 -4.30
C ILE B 104 -12.77 22.82 -4.21
N ASN B 105 -12.70 22.25 -3.01
CA ASN B 105 -13.16 20.89 -2.72
C ASN B 105 -14.44 20.96 -1.89
N ASP B 106 -15.59 20.62 -2.51
CA ASP B 106 -16.94 20.74 -1.94
C ASP B 106 -17.49 19.37 -1.58
N VAL B 107 -17.44 19.02 -0.29
CA VAL B 107 -18.01 17.75 0.14
C VAL B 107 -19.51 17.64 -0.08
N SER B 108 -20.20 18.74 -0.40
CA SER B 108 -21.64 18.67 -0.68
C SER B 108 -21.94 18.59 -2.18
N ALA B 109 -20.93 18.65 -3.03
CA ALA B 109 -21.12 18.63 -4.48
C ALA B 109 -22.03 19.77 -4.94
N GLY B 110 -21.84 20.95 -4.36
CA GLY B 110 -22.61 22.13 -4.73
C GLY B 110 -24.04 22.16 -4.23
N ARG B 111 -24.41 21.25 -3.33
CA ARG B 111 -25.79 21.15 -2.84
C ARG B 111 -26.02 21.97 -1.57
N ALA B 112 -25.00 22.15 -0.72
CA ALA B 112 -25.21 22.86 0.53
C ALA B 112 -25.45 24.34 0.30
N ASP B 113 -24.78 24.91 -0.69
CA ASP B 113 -24.85 26.34 -1.00
C ASP B 113 -25.05 26.54 -2.50
N PRO B 114 -26.28 26.84 -2.94
CA PRO B 114 -26.52 26.97 -4.39
C PRO B 114 -25.69 28.03 -5.09
N LYS B 115 -25.10 28.99 -4.36
CA LYS B 115 -24.25 30.01 -4.97
C LYS B 115 -22.82 29.55 -5.24
N LEU B 116 -22.38 28.42 -4.69
CA LEU B 116 -20.96 28.07 -4.81
C LEU B 116 -20.58 27.76 -6.26
N PHE B 117 -21.42 27.06 -7.00
CA PHE B 117 -21.12 26.79 -8.40
C PHE B 117 -20.78 28.08 -9.15
N GLY B 118 -21.58 29.13 -8.96
CA GLY B 118 -21.34 30.37 -9.70
C GLY B 118 -20.07 31.06 -9.27
N VAL B 119 -19.73 30.96 -7.99
CA VAL B 119 -18.47 31.52 -7.51
C VAL B 119 -17.30 30.89 -8.27
N VAL B 120 -17.30 29.56 -8.41
CA VAL B 120 -16.21 28.89 -9.11
C VAL B 120 -16.29 29.16 -10.61
N ALA B 121 -17.50 29.21 -11.17
CA ALA B 121 -17.68 29.45 -12.60
C ALA B 121 -17.09 30.79 -13.03
N ARG B 122 -17.20 31.80 -12.18
CA ARG B 122 -16.68 33.12 -12.51
C ARG B 122 -15.18 33.24 -12.26
N SER B 123 -14.55 32.19 -11.74
CA SER B 123 -13.12 32.14 -11.52
C SER B 123 -12.46 31.24 -12.56
N ASN B 124 -11.17 31.01 -12.36
CA ASN B 124 -10.34 30.11 -13.14
C ASN B 124 -10.07 28.76 -12.45
N ALA B 125 -10.75 28.49 -11.34
CA ALA B 125 -10.39 27.39 -10.45
C ALA B 125 -11.07 26.08 -10.81
N GLN B 126 -10.52 25.00 -10.26
CA GLN B 126 -11.11 23.68 -10.39
C GLN B 126 -11.99 23.40 -9.18
N ILE B 127 -12.97 22.51 -9.35
CA ILE B 127 -13.89 22.13 -8.27
C ILE B 127 -13.90 20.61 -8.14
N VAL B 128 -13.81 20.11 -6.90
CA VAL B 128 -13.97 18.70 -6.61
C VAL B 128 -15.42 18.50 -6.18
N LEU B 129 -16.14 17.61 -6.86
CA LEU B 129 -17.48 17.23 -6.47
C LEU B 129 -17.44 15.84 -5.84
N MET B 130 -17.74 15.77 -4.54
CA MET B 130 -17.69 14.49 -3.85
C MET B 130 -19.11 13.98 -3.59
N TYR B 131 -19.27 12.67 -3.71
CA TYR B 131 -20.51 12.01 -3.30
C TYR B 131 -20.59 11.92 -1.78
N SER B 132 -21.74 12.27 -1.24
CA SER B 132 -22.09 12.01 0.14
C SER B 132 -23.52 11.51 0.18
N LYS B 133 -23.81 10.62 1.14
CA LYS B 133 -25.10 9.97 1.25
C LYS B 133 -26.21 10.92 1.65
N ASP B 134 -25.87 12.12 2.14
CA ASP B 134 -26.86 13.11 2.53
C ASP B 134 -26.42 14.47 2.04
N THR B 135 -27.38 15.38 1.93
CA THR B 135 -27.06 16.73 1.47
C THR B 135 -26.27 17.49 2.53
N ASP B 136 -26.59 17.32 3.80
CA ASP B 136 -25.89 18.02 4.88
C ASP B 136 -24.56 17.34 5.17
N PRO B 137 -23.43 18.06 5.05
CA PRO B 137 -22.12 17.43 5.28
C PRO B 137 -21.91 16.94 6.70
N HIS B 138 -22.73 17.32 7.67
CA HIS B 138 -22.49 16.93 9.04
C HIS B 138 -23.52 15.92 9.54
N THR B 139 -24.24 15.29 8.62
CA THR B 139 -25.13 14.19 9.00
C THR B 139 -24.33 13.08 9.69
N SER B 140 -24.97 12.45 10.67
CA SER B 140 -24.35 11.31 11.34
C SER B 140 -24.08 10.19 10.34
N PHE B 141 -23.09 9.36 10.67
CA PHE B 141 -22.64 8.29 9.78
C PHE B 141 -23.43 7.03 10.10
N ASP B 142 -24.64 6.97 9.54
CA ASP B 142 -25.46 5.78 9.71
C ASP B 142 -24.95 4.64 8.83
N GLU B 143 -25.53 3.47 9.05
CA GLU B 143 -25.13 2.26 8.33
C GLU B 143 -25.92 2.15 7.02
N ARG B 144 -25.73 3.14 6.16
CA ARG B 144 -26.44 3.17 4.89
C ARG B 144 -26.16 1.92 4.06
N GLN B 145 -27.21 1.32 3.51
CA GLN B 145 -27.10 0.14 2.67
C GLN B 145 -27.34 0.52 1.22
N TYR B 146 -26.76 -0.27 0.31
CA TYR B 146 -26.94 -0.03 -1.12
C TYR B 146 -27.16 -1.35 -1.82
N VAL B 147 -28.12 -1.36 -2.76
CA VAL B 147 -28.23 -2.51 -3.66
C VAL B 147 -27.00 -2.58 -4.56
N ASP B 148 -26.56 -1.42 -5.08
CA ASP B 148 -25.40 -1.34 -5.97
C ASP B 148 -24.79 0.04 -5.77
N VAL B 149 -23.81 0.13 -4.86
CA VAL B 149 -23.29 1.45 -4.47
C VAL B 149 -22.57 2.10 -5.64
N VAL B 150 -21.96 1.30 -6.53
CA VAL B 150 -21.26 1.87 -7.67
C VAL B 150 -22.24 2.60 -8.59
N ARG B 151 -23.38 1.97 -8.89
CA ARG B 151 -24.39 2.63 -9.72
C ARG B 151 -24.96 3.87 -9.03
N THR B 152 -25.26 3.78 -7.74
CA THR B 152 -25.80 4.91 -7.00
C THR B 152 -24.86 6.11 -7.08
N VAL B 153 -23.58 5.89 -6.78
CA VAL B 153 -22.62 6.99 -6.76
C VAL B 153 -22.36 7.51 -8.17
N TYR B 154 -22.32 6.61 -9.15
CA TYR B 154 -22.07 7.02 -10.53
C TYR B 154 -23.18 7.95 -11.02
N ASP B 155 -24.43 7.53 -10.86
CA ASP B 155 -25.58 8.35 -11.25
C ASP B 155 -25.57 9.70 -10.53
N PHE B 156 -25.23 9.71 -9.23
CA PHE B 156 -25.11 10.96 -8.49
C PHE B 156 -24.07 11.88 -9.11
N LEU B 157 -22.87 11.35 -9.38
CA LEU B 157 -21.79 12.19 -9.87
C LEU B 157 -22.10 12.70 -11.28
N ALA B 158 -22.76 11.89 -12.09
CA ALA B 158 -23.19 12.35 -13.41
C ALA B 158 -24.16 13.52 -13.29
N GLU B 159 -25.14 13.40 -12.40
CA GLU B 159 -26.11 14.47 -12.15
C GLU B 159 -25.42 15.76 -11.68
N ARG B 160 -24.51 15.65 -10.71
CA ARG B 160 -23.83 16.84 -10.18
C ARG B 160 -22.93 17.49 -11.23
N LYS B 161 -22.24 16.70 -12.03
CA LYS B 161 -21.43 17.26 -13.10
C LYS B 161 -22.30 18.06 -14.07
N LYS B 162 -23.47 17.52 -14.43
CA LYS B 162 -24.32 18.24 -15.35
C LYS B 162 -24.85 19.53 -14.72
N ALA B 163 -25.06 19.53 -13.40
CA ALA B 163 -25.49 20.75 -12.73
C ALA B 163 -24.37 21.79 -12.68
N ALA B 164 -23.14 21.33 -12.42
CA ALA B 164 -22.00 22.25 -12.40
C ALA B 164 -21.78 22.87 -13.76
N MET B 165 -21.97 22.08 -14.81
CA MET B 165 -21.84 22.58 -16.18
C MET B 165 -22.94 23.59 -16.52
N SER B 166 -24.18 23.32 -16.08
CA SER B 166 -25.25 24.27 -16.34
C SER B 166 -25.02 25.59 -15.63
N ALA B 167 -24.35 25.55 -14.47
CA ALA B 167 -24.01 26.77 -13.76
C ALA B 167 -22.80 27.48 -14.37
N GLY B 168 -22.18 26.91 -15.40
CA GLY B 168 -21.11 27.58 -16.12
C GLY B 168 -19.69 27.04 -15.89
N ILE B 169 -19.51 25.96 -15.16
CA ILE B 169 -18.19 25.37 -14.97
C ILE B 169 -17.94 24.38 -16.11
N PRO B 170 -16.89 24.57 -16.89
CA PRO B 170 -16.60 23.62 -17.97
C PRO B 170 -16.20 22.25 -17.43
N ALA B 171 -16.44 21.24 -18.26
CA ALA B 171 -16.16 19.86 -17.84
C ALA B 171 -14.69 19.66 -17.45
N ASP B 172 -13.76 20.34 -18.14
CA ASP B 172 -12.36 20.16 -17.81
C ASP B 172 -11.92 20.88 -16.53
N ARG B 173 -12.82 21.54 -15.82
CA ARG B 173 -12.50 22.05 -14.49
C ARG B 173 -13.27 21.30 -13.39
N ILE B 174 -13.91 20.19 -13.72
CA ILE B 174 -14.64 19.37 -12.76
C ILE B 174 -13.84 18.12 -12.44
N ILE B 175 -13.64 17.86 -11.15
CA ILE B 175 -12.98 16.69 -10.61
C ILE B 175 -13.97 15.96 -9.71
N LEU B 176 -13.95 14.61 -9.75
CA LEU B 176 -14.98 13.79 -9.12
C LEU B 176 -14.39 12.90 -8.02
N ASP B 177 -15.14 12.75 -6.93
CA ASP B 177 -14.72 11.94 -5.79
C ASP B 177 -15.91 11.07 -5.36
N THR B 178 -15.69 9.76 -5.28
CA THR B 178 -16.74 8.83 -4.90
C THR B 178 -17.20 8.97 -3.46
N GLY B 179 -16.47 9.71 -2.63
CA GLY B 179 -16.68 9.68 -1.21
C GLY B 179 -16.12 8.39 -0.64
N LEU B 180 -15.74 8.40 0.64
CA LEU B 180 -15.28 7.19 1.32
C LEU B 180 -15.64 7.29 2.79
N GLY B 181 -15.64 6.14 3.47
CA GLY B 181 -15.87 6.17 4.90
C GLY B 181 -17.31 6.52 5.22
N GLY B 182 -17.49 7.27 6.32
CA GLY B 182 -18.82 7.67 6.76
C GLY B 182 -19.64 8.43 5.74
N PHE B 183 -18.98 9.12 4.79
CA PHE B 183 -19.72 9.80 3.72
C PHE B 183 -20.53 8.82 2.88
N VAL B 184 -20.13 7.57 2.82
CA VAL B 184 -20.83 6.54 2.07
C VAL B 184 -21.67 5.67 2.98
N SER B 185 -21.07 5.20 4.07
CA SER B 185 -21.73 4.33 5.03
C SER B 185 -20.80 4.06 6.19
N SER B 186 -21.35 3.82 7.38
CA SER B 186 -20.51 3.26 8.43
C SER B 186 -20.18 1.79 8.16
N ASP B 187 -20.83 1.16 7.20
CA ASP B 187 -20.47 -0.20 6.78
C ASP B 187 -19.29 -0.12 5.82
N PRO B 188 -18.13 -0.68 6.18
CA PRO B 188 -16.93 -0.47 5.34
C PRO B 188 -17.01 -1.14 3.98
N GLN B 189 -17.88 -2.13 3.79
CA GLN B 189 -17.89 -2.87 2.53
C GLN B 189 -18.09 -1.95 1.34
N TYR B 190 -18.88 -0.88 1.50
CA TYR B 190 -19.21 -0.05 0.34
C TYR B 190 -18.04 0.82 -0.10
N SER B 191 -17.23 1.29 0.85
CA SER B 191 -16.00 1.99 0.50
C SER B 191 -15.04 1.06 -0.25
N PHE B 192 -14.92 -0.18 0.20
CA PHE B 192 -14.06 -1.14 -0.50
C PHE B 192 -14.60 -1.42 -1.90
N GLN B 193 -15.91 -1.47 -2.06
CA GLN B 193 -16.48 -1.72 -3.39
C GLN B 193 -16.21 -0.56 -4.34
N LEU B 194 -16.30 0.69 -3.86
CA LEU B 194 -15.95 1.83 -4.70
C LEU B 194 -14.48 1.77 -5.10
N LEU B 195 -13.59 1.43 -4.17
CA LEU B 195 -12.17 1.28 -4.50
C LEU B 195 -11.97 0.15 -5.52
N ALA B 196 -12.70 -0.97 -5.39
CA ALA B 196 -12.54 -2.06 -6.34
C ALA B 196 -12.99 -1.66 -7.74
N HIS B 197 -14.02 -0.83 -7.84
CA HIS B 197 -14.64 -0.52 -9.12
C HIS B 197 -14.33 0.90 -9.56
N LEU B 198 -13.28 1.51 -9.00
CA LEU B 198 -13.03 2.93 -9.22
C LEU B 198 -12.81 3.26 -10.70
N SER B 199 -12.22 2.33 -11.46
CA SER B 199 -11.97 2.62 -12.88
C SER B 199 -13.26 2.88 -13.64
N ASP B 200 -14.40 2.33 -13.18
CA ASP B 200 -15.68 2.58 -13.84
C ASP B 200 -15.98 4.07 -13.92
N PHE B 201 -15.57 4.84 -12.90
CA PHE B 201 -15.90 6.26 -12.83
C PHE B 201 -15.12 7.09 -13.83
N GLN B 202 -14.07 6.54 -14.44
CA GLN B 202 -13.37 7.21 -15.53
C GLN B 202 -14.29 7.48 -16.73
N ASP B 203 -15.40 6.73 -16.88
CA ASP B 203 -16.28 6.96 -18.02
C ASP B 203 -17.09 8.26 -17.92
N LEU B 204 -17.00 8.98 -16.80
CA LEU B 204 -17.64 10.29 -16.68
C LEU B 204 -16.76 11.40 -17.24
N GLY B 205 -15.55 11.09 -17.71
CA GLY B 205 -14.71 12.03 -18.42
C GLY B 205 -13.93 13.00 -17.57
N CYS B 206 -13.87 12.77 -16.26
CA CYS B 206 -13.33 13.72 -15.30
C CYS B 206 -12.15 13.10 -14.57
N LYS B 207 -11.21 13.93 -14.14
CA LYS B 207 -10.18 13.44 -13.24
C LYS B 207 -10.81 12.98 -11.93
N LEU B 208 -10.15 12.03 -11.27
CA LEU B 208 -10.67 11.48 -10.01
C LEU B 208 -9.78 11.82 -8.82
N PHE B 209 -10.43 11.97 -7.67
CA PHE B 209 -9.88 12.53 -6.43
C PHE B 209 -10.39 11.64 -5.30
N LEU B 210 -9.50 11.12 -4.47
N LEU B 210 -9.49 11.12 -4.48
CA LEU B 210 -9.92 10.21 -3.40
CA LEU B 210 -9.88 10.21 -3.42
C LEU B 210 -9.12 10.49 -2.14
C LEU B 210 -9.14 10.57 -2.13
N SER B 211 -9.77 10.30 -0.99
CA SER B 211 -9.16 10.60 0.32
C SER B 211 -9.34 9.42 1.28
N PRO B 212 -8.57 8.33 1.11
CA PRO B 212 -8.67 7.24 2.10
C PRO B 212 -8.30 7.71 3.50
N SER B 213 -7.13 8.35 3.64
CA SER B 213 -6.72 9.18 4.77
C SER B 213 -7.24 8.77 6.14
N ARG B 214 -6.89 7.56 6.57
CA ARG B 214 -7.17 7.04 7.92
C ARG B 214 -8.66 7.06 8.28
N LYS B 215 -9.53 6.92 7.28
CA LYS B 215 -10.97 6.92 7.57
C LYS B 215 -11.40 5.62 8.26
N SER B 216 -12.61 5.66 8.79
CA SER B 216 -13.17 4.57 9.56
C SER B 216 -13.19 3.25 8.80
N PHE B 217 -13.35 3.27 7.47
CA PHE B 217 -13.47 1.98 6.80
C PHE B 217 -12.17 1.17 6.83
N LEU B 218 -11.06 1.81 7.19
CA LEU B 218 -9.74 1.21 7.32
C LEU B 218 -9.48 0.68 8.73
N ALA B 219 -10.51 0.63 9.57
CA ALA B 219 -10.31 0.10 10.91
C ALA B 219 -9.96 -1.39 10.87
N GLY B 220 -10.49 -2.14 9.90
CA GLY B 220 -10.15 -3.55 9.78
C GLY B 220 -10.74 -4.41 10.89
N ASN B 221 -10.31 -5.68 10.88
CA ASN B 221 -10.76 -6.64 11.89
C ASN B 221 -10.41 -6.20 13.29
N GLU B 222 -9.28 -5.52 13.47
CA GLU B 222 -8.82 -5.14 14.80
C GLU B 222 -9.50 -3.87 15.28
N LEU B 223 -10.34 -3.25 14.46
CA LEU B 223 -11.01 -2.00 14.78
C LEU B 223 -9.99 -0.93 15.20
N LEU B 224 -9.03 -0.69 14.32
CA LEU B 224 -7.93 0.21 14.63
C LEU B 224 -8.40 1.64 14.79
N LYS B 225 -7.84 2.30 15.80
CA LYS B 225 -7.99 3.74 15.96
C LYS B 225 -7.26 4.47 14.86
N THR B 226 -7.64 5.73 14.65
CA THR B 226 -7.04 6.57 13.61
C THR B 226 -5.52 6.44 13.56
N ALA B 227 -4.86 6.52 14.72
CA ALA B 227 -3.40 6.58 14.74
C ALA B 227 -2.73 5.33 14.15
N ASP B 228 -3.44 4.21 14.05
CA ASP B 228 -2.86 2.95 13.59
C ASP B 228 -3.26 2.59 12.16
N ARG B 229 -3.95 3.50 11.47
CA ARG B 229 -4.47 3.22 10.13
C ARG B 229 -3.53 3.68 9.03
N LEU B 230 -2.27 4.00 9.31
CA LEU B 230 -1.40 4.45 8.22
C LEU B 230 -1.11 3.33 7.23
N PRO B 231 -0.77 2.10 7.66
CA PRO B 231 -0.58 1.03 6.65
C PRO B 231 -1.78 0.85 5.74
N GLY B 232 -2.99 0.84 6.34
CA GLY B 232 -4.20 0.71 5.53
C GLY B 232 -4.41 1.89 4.60
N THR B 233 -4.05 3.08 5.04
CA THR B 233 -4.16 4.25 4.18
C THR B 233 -3.23 4.14 2.97
N ILE B 234 -1.99 3.66 3.18
CA ILE B 234 -1.06 3.49 2.08
C ILE B 234 -1.59 2.46 1.08
N ALA B 235 -2.08 1.32 1.58
CA ALA B 235 -2.59 0.28 0.69
C ALA B 235 -3.80 0.78 -0.10
N ALA B 236 -4.75 1.44 0.60
CA ALA B 236 -5.96 1.91 -0.08
C ALA B 236 -5.65 3.00 -1.09
N SER B 237 -4.72 3.89 -0.77
CA SER B 237 -4.37 4.97 -1.68
C SER B 237 -3.62 4.44 -2.90
N ALA B 238 -2.74 3.46 -2.69
CA ALA B 238 -2.03 2.86 -3.82
C ALA B 238 -3.00 2.14 -4.75
N ILE B 239 -3.95 1.39 -4.18
CA ILE B 239 -4.92 0.68 -5.01
C ILE B 239 -5.84 1.67 -5.73
N ALA B 240 -6.21 2.78 -5.09
CA ALA B 240 -6.97 3.81 -5.78
C ALA B 240 -6.20 4.34 -6.99
N VAL B 241 -4.88 4.56 -6.83
CA VAL B 241 -4.11 5.06 -7.96
C VAL B 241 -4.03 4.00 -9.05
N LEU B 242 -3.82 2.73 -8.67
CA LEU B 242 -3.82 1.61 -9.61
C LEU B 242 -5.10 1.56 -10.43
N HIS B 243 -6.22 1.96 -9.83
CA HIS B 243 -7.53 1.92 -10.47
C HIS B 243 -8.00 3.29 -10.98
N GLY B 244 -7.11 4.27 -11.09
CA GLY B 244 -7.41 5.46 -11.86
C GLY B 244 -7.37 6.78 -11.12
N ALA B 245 -7.12 6.83 -9.81
CA ALA B 245 -7.12 8.10 -9.08
C ALA B 245 -6.05 9.04 -9.62
N ASP B 246 -6.41 10.30 -9.86
CA ASP B 246 -5.47 11.32 -10.28
C ASP B 246 -4.97 12.19 -9.12
N TYR B 247 -5.75 12.27 -8.04
CA TYR B 247 -5.40 13.01 -6.83
C TYR B 247 -5.62 12.12 -5.62
N ILE B 248 -4.73 12.20 -4.65
CA ILE B 248 -4.90 11.50 -3.37
C ILE B 248 -4.75 12.52 -2.25
N ARG B 249 -5.79 12.63 -1.42
CA ARG B 249 -5.80 13.56 -0.29
C ARG B 249 -5.33 12.80 0.94
N THR B 250 -4.40 13.38 1.70
CA THR B 250 -3.77 12.63 2.77
C THR B 250 -3.15 13.57 3.81
N HIS B 251 -3.09 13.06 5.05
CA HIS B 251 -2.32 13.68 6.13
C HIS B 251 -0.86 13.29 6.09
N ASP B 252 -0.54 12.19 5.40
CA ASP B 252 0.74 11.49 5.51
C ASP B 252 1.45 11.55 4.16
N VAL B 253 1.87 12.75 3.79
CA VAL B 253 2.31 13.00 2.41
C VAL B 253 3.52 12.13 2.05
N LEU B 254 4.56 12.11 2.89
CA LEU B 254 5.77 11.34 2.56
C LEU B 254 5.43 9.88 2.23
N GLU B 255 4.72 9.21 3.13
CA GLU B 255 4.53 7.78 2.97
C GLU B 255 3.54 7.47 1.85
N VAL B 256 2.47 8.24 1.76
CA VAL B 256 1.46 7.98 0.74
C VAL B 256 1.99 8.36 -0.64
N ARG B 257 2.82 9.40 -0.74
CA ARG B 257 3.45 9.70 -2.02
C ARG B 257 4.30 8.51 -2.49
N ARG B 258 5.12 7.98 -1.59
CA ARG B 258 6.03 6.90 -1.97
C ARG B 258 5.27 5.62 -2.29
N GLY B 259 4.21 5.32 -1.52
CA GLY B 259 3.38 4.17 -1.85
C GLY B 259 2.69 4.32 -3.19
N CYS B 260 2.14 5.50 -3.48
CA CYS B 260 1.39 5.67 -4.72
C CYS B 260 2.31 5.69 -5.94
N GLU B 261 3.58 6.08 -5.75
CA GLU B 261 4.56 5.98 -6.83
C GLU B 261 4.69 4.54 -7.31
N ILE B 262 4.62 3.58 -6.39
CA ILE B 262 4.73 2.18 -6.76
C ILE B 262 3.52 1.76 -7.60
N ALA B 263 2.32 2.19 -7.18
CA ALA B 263 1.11 1.91 -7.95
C ALA B 263 1.20 2.48 -9.36
N THR B 264 1.67 3.73 -9.48
CA THR B 264 1.83 4.32 -10.80
C THR B 264 2.77 3.49 -11.66
N ALA B 265 3.89 3.03 -11.08
CA ALA B 265 4.84 2.22 -11.86
C ALA B 265 4.23 0.89 -12.29
N ILE B 266 3.41 0.28 -11.43
CA ILE B 266 2.76 -0.96 -11.82
C ILE B 266 1.78 -0.73 -12.97
N ASN B 267 1.21 0.48 -13.06
CA ASN B 267 0.34 0.83 -14.19
C ASN B 267 1.08 1.08 -15.49
N GLN B 268 2.41 1.10 -15.50
CA GLN B 268 3.05 1.44 -16.78
C GLN B 268 3.26 0.22 -17.67
N PRO B 269 3.03 0.37 -18.97
CA PRO B 269 3.51 -0.64 -19.94
C PRO B 269 4.99 -0.46 -20.21
N PRO B 270 5.67 -1.49 -20.73
CA PRO B 270 7.10 -1.35 -21.08
C PRO B 270 7.36 -0.32 -22.18
C2 PT1 C . 12.14 -13.89 -2.50
C3 PT1 C . 13.19 -14.06 -1.62
C5 PT1 C . 13.35 -15.23 -0.94
N6 PT1 C . 14.05 -13.04 -1.46
C7 PT1 C . 11.42 -16.04 -2.02
N9 PT1 C . 12.45 -16.21 -1.13
C10 PT1 C . 15.07 -13.15 -0.64
N11 PT1 C . 10.65 -17.26 -2.03
C12 PT1 C . 15.26 -14.34 0.09
C21 PT1 C . 17.04 -6.78 -4.12
O22 PT1 C . 17.03 -6.72 -5.39
O1 PT1 C . 11.98 -12.73 -3.21
N4 PT1 C . 11.26 -14.86 -2.68
N8 PT1 C . 14.40 -15.35 -0.07
C13 PT1 C . 16.21 -12.19 -0.25
N14 PT1 C . 16.97 -11.93 -1.48
C15 PT1 C . 17.00 -10.62 -2.15
C16 PT1 C . 17.18 -10.55 -3.53
C17 PT1 C . 16.84 -9.47 -1.42
C18 PT1 C . 17.20 -9.32 -4.19
C19 PT1 C . 16.87 -8.23 -2.05
C20 PT1 C . 17.05 -8.16 -3.43
O23 PT1 C . 17.01 -5.72 -3.43
P1 POP D . -9.71 15.23 7.63
O1 POP D . -10.28 16.50 7.04
O2 POP D . -9.75 14.17 6.57
O3 POP D . -8.30 15.51 8.10
O POP D . -10.61 14.72 8.89
P2 POP D . -10.00 14.08 10.25
O4 POP D . -8.54 13.72 10.15
O5 POP D . -10.18 15.08 11.37
O6 POP D . -10.79 12.83 10.59
C2 PT1 E . -13.12 13.23 1.28
C3 PT1 E . -13.04 14.16 2.28
C5 PT1 E . -12.96 15.48 2.00
N6 PT1 E . -13.04 13.72 3.56
C7 PT1 E . -13.04 14.92 -0.28
N9 PT1 E . -12.97 15.86 0.70
C10 PT1 E . -12.96 14.59 4.53
N11 PT1 E . -13.03 15.62 -1.56
C12 PT1 E . -12.91 15.96 4.27
C21 PT1 E . -14.66 8.53 8.56
O22 PT1 E . -13.79 8.10 9.37
O1 PT1 E . -13.19 11.87 1.58
N4 PT1 E . -13.11 13.62 0.03
N8 PT1 E . -12.88 16.40 3.02
C13 PT1 E . -12.96 14.47 6.07
N14 PT1 E . -14.26 13.87 6.43
C15 PT1 E . -14.36 12.50 6.97
C16 PT1 E . -15.51 11.76 6.78
C17 PT1 E . -13.30 11.98 7.69
C18 PT1 E . -15.62 10.48 7.29
C19 PT1 E . -13.40 10.69 8.20
C20 PT1 E . -14.55 9.95 8.00
O23 PT1 E . -15.59 7.78 8.17
#